data_4EKD
#
_entry.id   4EKD
#
_cell.length_a   60.248
_cell.length_b   60.248
_cell.length_c   345.569
_cell.angle_alpha   90.00
_cell.angle_beta   90.00
_cell.angle_gamma   90.00
#
_symmetry.space_group_name_H-M   'P 41 21 2'
#
loop_
_entity.id
_entity.type
_entity.pdbx_description
1 polymer 'Guanine nucleotide-binding protein G(q) subunit alpha'
2 polymer 'Regulator of G-protein signaling 2'
3 non-polymer "GUANOSINE-5'-DIPHOSPHATE"
4 non-polymer 'TETRAFLUOROALUMINATE ION'
5 non-polymer 'COBALT (II) ION'
6 non-polymer 'CHLORIDE ION'
7 non-polymer 'MAGNESIUM ION'
8 non-polymer '2-(N-MORPHOLINO)-ETHANESULFONIC ACID'
9 water water
#
loop_
_entity_poly.entity_id
_entity_poly.type
_entity_poly.pdbx_seq_one_letter_code
_entity_poly.pdbx_strand_id
1 'polypeptide(L)'
;GAMGSARRINDEIERQLRRDKRDARRELKLLLLGTGESGKSTFIKQMRIIHGSGYSDEDKRGFTKLVYQNIFTAMQAMIR
AMDTLKIPYKYEHNKAHAQLVREVDVEKVSAFDVPDYAAIKSLWNDPGIQECYDRRREYQLSDSTKYYLNDLDRVADPSY
LPTQQDVLRVCVPTTGIIEYPFDLQSVIFRMVDVGGQRSERRKWIHCFENVTSIMFLVALSEYDQVLVESDNENRMEESK
ALFRTIITYPWFQNSSVILFLNKKDLLEEKIMYSHLVDYFPEYDGPQRDAQAAREFILKMFVDLNPDSDKIIYSHFTCAT
DTENIRFVFAAVKDTILQLNLKEYNLV
;
A
2 'polypeptide(L)'
;GEFGSPSPEEAQLWSEAFDELLASKYGLAAFRAFLKSEFCEENIEFWLACEDFKKTKSPQKLSSKARKIYTDFIEKEAPK
EINIDFQTKTLIAQNIQEATSGCFTTAQKRVYSLMENNSYPRFLESEFYQDLCKKPQ
;
B
#
loop_
_chem_comp.id
_chem_comp.type
_chem_comp.name
_chem_comp.formula
ALF non-polymer 'TETRAFLUOROALUMINATE ION' 'Al F4 -1'
CL non-polymer 'CHLORIDE ION' 'Cl -1'
CO non-polymer 'COBALT (II) ION' 'Co 2'
GDP RNA linking GUANOSINE-5'-DIPHOSPHATE 'C10 H15 N5 O11 P2'
MES non-polymer '2-(N-MORPHOLINO)-ETHANESULFONIC ACID' 'C6 H13 N O4 S'
MG non-polymer 'MAGNESIUM ION' 'Mg 2'
#
# COMPACT_ATOMS: atom_id res chain seq x y z
N ARG A 25 -27.17 12.10 13.43
CA ARG A 25 -26.39 10.96 12.88
C ARG A 25 -27.11 10.36 11.67
N ARG A 26 -27.05 11.12 10.58
CA ARG A 26 -27.45 10.68 9.26
C ARG A 26 -26.18 10.13 8.59
N GLU A 27 -26.13 8.83 8.34
CA GLU A 27 -24.90 8.17 7.87
C GLU A 27 -24.94 7.62 6.43
N LEU A 28 -23.93 8.00 5.63
CA LEU A 28 -23.77 7.54 4.24
C LEU A 28 -22.41 6.83 4.03
N LYS A 29 -22.42 5.62 3.50
CA LYS A 29 -21.21 4.80 3.31
C LYS A 29 -20.58 4.98 1.91
N LEU A 30 -19.25 5.14 1.87
CA LEU A 30 -18.51 5.30 0.61
C LEU A 30 -17.36 4.30 0.48
N LEU A 31 -17.21 3.66 -0.69
CA LEU A 31 -16.15 2.70 -0.92
C LEU A 31 -15.06 3.32 -1.75
N LEU A 32 -13.84 3.18 -1.27
CA LEU A 32 -12.66 3.58 -2.01
C LEU A 32 -12.14 2.30 -2.65
N LEU A 33 -12.45 2.11 -3.93
CA LEU A 33 -11.97 0.94 -4.61
C LEU A 33 -10.97 1.36 -5.66
N GLY A 34 -10.13 0.39 -6.02
CA GLY A 34 -8.99 0.62 -6.92
C GLY A 34 -7.90 -0.43 -6.73
N THR A 35 -7.12 -0.65 -7.77
CA THR A 35 -6.00 -1.60 -7.73
C THR A 35 -4.93 -1.19 -6.70
N GLY A 36 -3.85 -1.97 -6.60
CA GLY A 36 -2.80 -1.69 -5.64
C GLY A 36 -2.13 -0.34 -5.90
N GLU A 37 -2.08 0.50 -4.87
CA GLU A 37 -1.30 1.76 -4.91
C GLU A 37 -1.89 2.81 -5.85
N SER A 38 -3.19 2.73 -6.11
CA SER A 38 -3.86 3.78 -6.87
C SER A 38 -3.97 5.07 -6.06
N GLY A 39 -3.75 4.97 -4.74
CA GLY A 39 -3.75 6.15 -3.84
C GLY A 39 -4.92 6.18 -2.87
N LYS A 40 -5.43 5.02 -2.51
CA LYS A 40 -6.63 4.96 -1.68
C LYS A 40 -6.33 5.41 -0.24
N SER A 41 -5.29 4.86 0.37
CA SER A 41 -5.02 5.19 1.78
C SER A 41 -4.59 6.66 1.92
N THR A 42 -3.89 7.14 0.90
CA THR A 42 -3.48 8.53 0.82
C THR A 42 -4.71 9.43 0.85
N PHE A 43 -5.78 9.02 0.18
CA PHE A 43 -7.06 9.74 0.22
C PHE A 43 -7.62 9.84 1.62
N ILE A 44 -7.63 8.71 2.31
CA ILE A 44 -8.04 8.65 3.70
C ILE A 44 -7.20 9.62 4.53
N LYS A 45 -5.88 9.60 4.32
CA LYS A 45 -5.00 10.55 5.02
C LYS A 45 -5.47 11.98 4.79
N GLN A 46 -5.74 12.32 3.53
CA GLN A 46 -6.21 13.68 3.18
C GLN A 46 -7.59 14.00 3.76
N MET A 47 -8.44 12.99 3.94
CA MET A 47 -9.73 13.20 4.61
C MET A 47 -9.43 13.69 6.03
N ARG A 48 -8.67 12.89 6.77
CA ARG A 48 -8.27 13.23 8.14
C ARG A 48 -7.74 14.65 8.27
N ILE A 49 -7.03 15.13 7.25
CA ILE A 49 -6.50 16.49 7.26
C ILE A 49 -7.56 17.54 6.97
N ILE A 50 -8.44 17.27 6.01
CA ILE A 50 -9.42 18.26 5.60
C ILE A 50 -10.63 18.28 6.55
N HIS A 51 -11.14 17.13 6.95
CA HIS A 51 -12.35 17.05 7.79
C HIS A 51 -12.20 16.14 8.98
N GLY A 52 -11.02 16.04 9.58
CA GLY A 52 -10.85 15.00 10.61
C GLY A 52 -9.81 15.16 11.71
N SER A 53 -9.33 14.01 12.16
CA SER A 53 -8.50 13.87 13.37
C SER A 53 -7.26 14.79 13.44
N GLY A 54 -6.81 15.29 12.29
CA GLY A 54 -5.64 16.16 12.21
C GLY A 54 -4.36 15.41 12.52
N TYR A 55 -3.25 15.83 11.90
CA TYR A 55 -1.92 15.26 12.17
C TYR A 55 -1.07 16.24 13.01
N SER A 56 -1.18 16.13 14.33
CA SER A 56 -0.53 17.05 15.26
C SER A 56 0.98 17.07 15.07
N ASP A 57 1.63 18.10 15.62
CA ASP A 57 3.08 18.13 15.66
C ASP A 57 3.61 16.79 16.12
N GLU A 58 3.01 16.24 17.17
CA GLU A 58 3.44 14.96 17.70
C GLU A 58 3.10 13.84 16.72
N ASP A 59 1.81 13.68 16.42
CA ASP A 59 1.35 12.61 15.52
C ASP A 59 2.47 12.28 14.56
N LYS A 60 2.90 13.30 13.83
CA LYS A 60 3.95 13.21 12.80
C LYS A 60 5.15 12.38 13.22
N ARG A 61 5.57 12.49 14.48
CA ARG A 61 6.73 11.74 14.96
C ARG A 61 6.57 10.24 14.72
N GLY A 62 5.37 9.73 14.92
CA GLY A 62 5.06 8.31 14.73
C GLY A 62 5.48 7.70 13.39
N PHE A 63 5.47 8.51 12.33
CA PHE A 63 5.79 8.05 10.97
C PHE A 63 7.29 7.94 10.67
N THR A 64 8.10 8.79 11.30
CA THR A 64 9.54 8.80 11.05
C THR A 64 10.06 7.41 10.65
N LYS A 65 9.90 6.45 11.56
CA LYS A 65 10.44 5.09 11.38
C LYS A 65 10.11 4.52 10.00
N LEU A 66 8.88 4.72 9.55
CA LEU A 66 8.40 4.20 8.27
C LEU A 66 9.01 4.92 7.07
N VAL A 67 9.26 6.22 7.21
CA VAL A 67 9.95 6.99 6.18
C VAL A 67 11.33 6.40 5.99
N TYR A 68 11.97 6.06 7.11
CA TYR A 68 13.28 5.39 7.08
C TYR A 68 13.15 4.06 6.34
N GLN A 69 12.17 3.25 6.72
CA GLN A 69 11.96 1.92 6.12
C GLN A 69 11.74 2.05 4.62
N ASN A 70 10.96 3.04 4.23
CA ASN A 70 10.68 3.32 2.82
C ASN A 70 11.97 3.55 2.07
N ILE A 71 12.81 4.43 2.63
CA ILE A 71 14.11 4.77 2.03
C ILE A 71 14.96 3.51 1.80
N PHE A 72 15.13 2.71 2.85
CA PHE A 72 15.92 1.49 2.75
C PHE A 72 15.33 0.53 1.72
N THR A 73 14.01 0.33 1.80
CA THR A 73 13.32 -0.57 0.86
C THR A 73 13.59 -0.16 -0.58
N ALA A 74 13.38 1.12 -0.89
CA ALA A 74 13.54 1.65 -2.24
C ALA A 74 14.93 1.39 -2.78
N MET A 75 15.94 1.61 -1.93
CA MET A 75 17.32 1.40 -2.33
C MET A 75 17.58 -0.09 -2.49
N GLN A 76 17.05 -0.90 -1.59
CA GLN A 76 17.20 -2.36 -1.69
C GLN A 76 16.61 -2.83 -3.01
N ALA A 77 15.53 -2.17 -3.43
CA ALA A 77 14.88 -2.44 -4.71
C ALA A 77 15.80 -2.10 -5.88
N MET A 78 16.44 -0.93 -5.82
CA MET A 78 17.28 -0.49 -6.93
C MET A 78 18.53 -1.34 -7.07
N ILE A 79 19.05 -1.85 -5.96
CA ILE A 79 20.22 -2.71 -5.98
C ILE A 79 19.95 -4.06 -6.68
N ARG A 80 18.74 -4.60 -6.51
CA ARG A 80 18.34 -5.83 -7.23
C ARG A 80 18.20 -5.52 -8.71
N ALA A 81 17.57 -4.40 -9.02
CA ALA A 81 17.41 -3.96 -10.38
C ALA A 81 18.77 -3.86 -11.08
N MET A 82 19.83 -3.54 -10.34
CA MET A 82 21.17 -3.53 -10.92
C MET A 82 21.58 -4.95 -11.36
N ASP A 83 21.38 -5.93 -10.48
CA ASP A 83 21.58 -7.34 -10.84
C ASP A 83 20.63 -7.78 -11.94
N THR A 84 19.34 -7.61 -11.68
CA THR A 84 18.28 -7.97 -12.59
C THR A 84 18.54 -7.47 -14.01
N LEU A 85 18.92 -6.20 -14.14
CA LEU A 85 19.09 -5.57 -15.46
C LEU A 85 20.55 -5.58 -15.92
N LYS A 86 21.43 -6.18 -15.12
CA LYS A 86 22.86 -6.14 -15.39
C LYS A 86 23.32 -4.74 -15.78
N ILE A 87 23.05 -3.79 -14.88
CA ILE A 87 23.58 -2.44 -14.93
C ILE A 87 24.76 -2.38 -13.95
N PRO A 88 25.96 -1.96 -14.42
CA PRO A 88 27.12 -1.90 -13.52
C PRO A 88 27.21 -0.57 -12.78
N TYR A 89 27.61 -0.62 -11.51
CA TYR A 89 27.84 0.61 -10.74
C TYR A 89 29.09 1.29 -11.32
N LYS A 90 29.06 2.62 -11.41
CA LYS A 90 30.25 3.34 -11.90
C LYS A 90 31.44 3.14 -10.95
N TYR A 91 31.23 3.42 -9.67
CA TYR A 91 32.29 3.34 -8.67
C TYR A 91 32.20 2.00 -7.95
N GLU A 92 33.27 1.22 -8.02
CA GLU A 92 33.22 -0.16 -7.56
C GLU A 92 33.03 -0.33 -6.05
N HIS A 93 33.42 0.66 -5.24
CA HIS A 93 33.19 0.55 -3.79
C HIS A 93 31.72 0.67 -3.45
N ASN A 94 30.93 1.17 -4.40
CA ASN A 94 29.48 1.24 -4.20
C ASN A 94 28.81 -0.13 -4.15
N LYS A 95 29.55 -1.17 -4.55
CA LYS A 95 29.06 -2.54 -4.46
C LYS A 95 29.04 -3.01 -3.00
N ALA A 96 30.15 -2.81 -2.29
CA ALA A 96 30.21 -3.10 -0.85
C ALA A 96 29.28 -2.19 -0.04
N HIS A 97 29.06 -0.96 -0.51
CA HIS A 97 28.03 -0.09 0.05
C HIS A 97 26.67 -0.70 -0.18
N ALA A 98 26.41 -1.12 -1.42
CA ALA A 98 25.15 -1.79 -1.75
C ALA A 98 25.03 -3.11 -0.98
N GLN A 99 26.16 -3.78 -0.76
CA GLN A 99 26.18 -4.98 0.05
C GLN A 99 25.67 -4.71 1.46
N LEU A 100 26.16 -3.64 2.06
CA LEU A 100 25.74 -3.24 3.40
C LEU A 100 24.24 -2.92 3.43
N VAL A 101 23.76 -2.22 2.41
CA VAL A 101 22.35 -1.86 2.31
C VAL A 101 21.51 -3.12 2.10
N ARG A 102 21.98 -4.00 1.21
CA ARG A 102 21.35 -5.33 1.00
C ARG A 102 20.91 -5.97 2.29
N GLU A 103 21.80 -5.93 3.28
CA GLU A 103 21.70 -6.76 4.45
C GLU A 103 21.23 -5.96 5.67
N VAL A 104 20.26 -5.08 5.47
CA VAL A 104 19.67 -4.35 6.60
C VAL A 104 18.29 -4.95 6.92
N ASP A 105 18.11 -5.33 8.19
CA ASP A 105 16.79 -5.67 8.72
C ASP A 105 15.97 -4.39 8.74
N VAL A 106 15.06 -4.25 7.78
CA VAL A 106 14.37 -2.98 7.59
C VAL A 106 13.44 -2.67 8.78
N GLU A 107 12.92 -3.72 9.43
CA GLU A 107 12.04 -3.56 10.60
C GLU A 107 12.78 -3.08 11.85
N LYS A 108 14.01 -3.57 12.01
CA LYS A 108 14.82 -3.27 13.19
C LYS A 108 15.42 -1.86 13.15
N VAL A 109 15.43 -1.25 11.97
CA VAL A 109 15.79 0.17 11.81
C VAL A 109 14.89 1.05 12.69
N SER A 110 15.51 1.78 13.61
CA SER A 110 14.83 2.81 14.41
C SER A 110 15.51 4.18 14.27
N ALA A 111 16.85 4.20 14.25
CA ALA A 111 17.63 5.42 13.97
C ALA A 111 18.34 5.31 12.61
N PHE A 112 18.83 6.44 12.10
CA PHE A 112 19.49 6.50 10.78
C PHE A 112 21.01 6.65 10.92
N ASP A 113 21.74 5.58 10.61
CA ASP A 113 23.20 5.54 10.86
C ASP A 113 23.94 6.42 9.87
N VAL A 114 25.04 7.03 10.35
CA VAL A 114 25.96 7.76 9.48
C VAL A 114 26.57 6.84 8.41
N PRO A 115 26.96 5.59 8.78
CA PRO A 115 27.41 4.64 7.74
C PRO A 115 26.34 4.32 6.70
N ASP A 116 25.11 4.13 7.17
CA ASP A 116 23.99 3.86 6.30
C ASP A 116 23.61 5.09 5.48
N TYR A 117 23.74 6.27 6.08
CA TYR A 117 23.61 7.53 5.34
C TYR A 117 24.67 7.56 4.24
N ALA A 118 25.93 7.36 4.63
CA ALA A 118 27.05 7.32 3.67
C ALA A 118 26.78 6.31 2.55
N ALA A 119 26.32 5.11 2.91
CA ALA A 119 26.06 4.05 1.94
C ALA A 119 24.99 4.46 0.91
N ILE A 120 23.89 5.00 1.40
CA ILE A 120 22.77 5.36 0.53
C ILE A 120 23.10 6.58 -0.31
N LYS A 121 23.55 7.64 0.35
CA LYS A 121 24.01 8.85 -0.33
C LYS A 121 24.91 8.46 -1.50
N SER A 122 25.93 7.68 -1.17
CA SER A 122 26.90 7.20 -2.15
C SER A 122 26.20 6.52 -3.33
N LEU A 123 25.29 5.61 -3.02
CA LEU A 123 24.57 4.84 -4.05
C LEU A 123 23.68 5.73 -4.90
N TRP A 124 22.86 6.52 -4.23
CA TRP A 124 21.92 7.39 -4.91
C TRP A 124 22.63 8.26 -5.90
N ASN A 125 23.83 8.71 -5.57
CA ASN A 125 24.58 9.57 -6.47
C ASN A 125 25.51 8.81 -7.42
N ASP A 126 25.45 7.48 -7.40
CA ASP A 126 26.13 6.68 -8.40
C ASP A 126 25.31 6.79 -9.67
N PRO A 127 25.96 7.11 -10.81
CA PRO A 127 25.24 7.19 -12.10
C PRO A 127 24.66 5.85 -12.63
N GLY A 128 25.16 4.73 -12.11
CA GLY A 128 24.61 3.41 -12.41
C GLY A 128 23.27 3.20 -11.73
N ILE A 129 23.19 3.57 -10.45
CA ILE A 129 21.91 3.61 -9.73
C ILE A 129 20.97 4.59 -10.41
N GLN A 130 21.49 5.76 -10.80
CA GLN A 130 20.66 6.74 -11.49
C GLN A 130 20.13 6.21 -12.82
N GLU A 131 20.94 5.46 -13.55
CA GLU A 131 20.47 4.79 -14.75
C GLU A 131 19.39 3.77 -14.41
N CYS A 132 19.63 3.00 -13.36
CA CYS A 132 18.67 2.01 -12.91
C CYS A 132 17.37 2.68 -12.46
N TYR A 133 17.47 3.77 -11.69
CA TYR A 133 16.30 4.56 -11.30
C TYR A 133 15.48 4.99 -12.50
N ASP A 134 16.14 5.49 -13.55
CA ASP A 134 15.43 5.93 -14.76
C ASP A 134 14.50 4.83 -15.30
N ARG A 135 14.90 3.57 -15.13
CA ARG A 135 14.14 2.44 -15.64
C ARG A 135 13.26 1.79 -14.57
N ARG A 136 12.65 2.60 -13.70
CA ARG A 136 11.78 2.09 -12.63
C ARG A 136 10.43 1.51 -13.12
N ARG A 137 10.09 1.84 -14.36
CA ARG A 137 8.92 1.24 -15.02
C ARG A 137 9.10 -0.28 -15.22
N GLU A 138 10.34 -0.74 -15.17
CA GLU A 138 10.66 -2.13 -15.35
C GLU A 138 10.71 -2.89 -14.02
N TYR A 139 10.40 -2.23 -12.90
CA TYR A 139 10.41 -2.95 -11.61
C TYR A 139 9.57 -2.26 -10.54
N GLN A 140 9.44 -2.96 -9.42
CA GLN A 140 8.73 -2.44 -8.27
C GLN A 140 9.54 -1.43 -7.50
N LEU A 141 9.12 -0.16 -7.59
CA LEU A 141 9.72 0.92 -6.84
C LEU A 141 8.67 1.97 -6.46
N SER A 142 8.50 2.21 -5.17
CA SER A 142 7.59 3.26 -4.70
C SER A 142 7.75 4.52 -5.55
N ASP A 143 6.62 5.19 -5.78
CA ASP A 143 6.61 6.45 -6.53
C ASP A 143 7.30 7.57 -5.75
N SER A 144 7.43 7.41 -4.43
CA SER A 144 7.99 8.42 -3.53
C SER A 144 9.53 8.35 -3.36
N THR A 145 10.17 7.38 -4.01
CA THR A 145 11.62 7.18 -3.95
C THR A 145 12.44 8.47 -4.12
N LYS A 146 12.24 9.15 -5.24
CA LYS A 146 12.99 10.39 -5.50
C LYS A 146 12.72 11.52 -4.50
N TYR A 147 11.46 11.70 -4.10
CA TYR A 147 11.07 12.75 -3.14
C TYR A 147 11.89 12.66 -1.88
N TYR A 148 12.08 11.43 -1.42
CA TYR A 148 12.79 11.16 -0.19
C TYR A 148 14.32 11.25 -0.33
N LEU A 149 14.89 10.57 -1.34
CA LEU A 149 16.36 10.53 -1.53
C LEU A 149 17.01 11.91 -1.79
N ASN A 150 16.26 12.81 -2.40
CA ASN A 150 16.76 14.16 -2.65
C ASN A 150 16.76 15.02 -1.39
N ASP A 151 15.80 14.76 -0.50
CA ASP A 151 15.78 15.40 0.83
C ASP A 151 16.34 14.47 1.92
N LEU A 152 17.28 13.61 1.52
CA LEU A 152 17.91 12.64 2.42
C LEU A 152 18.64 13.33 3.58
N ASP A 153 19.30 14.46 3.27
CA ASP A 153 19.90 15.32 4.27
C ASP A 153 18.90 15.73 5.34
N ARG A 154 17.76 16.24 4.89
CA ARG A 154 16.70 16.68 5.81
C ARG A 154 16.19 15.53 6.68
N VAL A 155 16.08 14.35 6.06
CA VAL A 155 15.61 13.14 6.74
C VAL A 155 16.64 12.65 7.75
N ALA A 156 17.88 12.51 7.29
CA ALA A 156 18.98 12.00 8.10
C ALA A 156 19.32 12.84 9.33
N ASP A 157 18.84 14.08 9.39
CA ASP A 157 19.08 14.92 10.54
C ASP A 157 18.63 14.19 11.80
N PRO A 158 19.48 14.13 12.84
CA PRO A 158 19.12 13.52 14.14
C PRO A 158 17.94 14.17 14.87
N SER A 159 17.54 15.37 14.46
CA SER A 159 16.35 16.02 15.02
C SER A 159 15.23 16.17 13.96
N TYR A 160 15.01 15.09 13.19
CA TYR A 160 14.10 15.13 12.03
C TYR A 160 12.63 15.02 12.42
N LEU A 161 11.87 16.07 12.09
CA LEU A 161 10.40 16.02 12.07
C LEU A 161 9.97 15.92 10.62
N PRO A 162 9.17 14.89 10.30
CA PRO A 162 8.57 14.84 8.97
C PRO A 162 7.51 15.91 8.79
N THR A 163 7.48 16.53 7.61
CA THR A 163 6.41 17.46 7.25
C THR A 163 5.15 16.64 7.08
N GLN A 164 4.02 17.32 6.89
CA GLN A 164 2.78 16.62 6.59
C GLN A 164 2.89 16.02 5.18
N GLN A 165 3.44 16.81 4.25
CA GLN A 165 3.71 16.33 2.89
C GLN A 165 4.60 15.07 2.87
N ASP A 166 5.49 14.94 3.85
CA ASP A 166 6.26 13.71 4.02
C ASP A 166 5.31 12.55 4.29
N VAL A 167 4.41 12.77 5.24
CA VAL A 167 3.46 11.73 5.67
C VAL A 167 2.63 11.18 4.48
N LEU A 168 2.00 12.08 3.71
CA LEU A 168 1.22 11.71 2.52
C LEU A 168 2.03 10.83 1.55
N ARG A 169 3.31 11.16 1.41
CA ARG A 169 4.20 10.44 0.50
C ARG A 169 4.59 9.04 0.99
N VAL A 170 4.37 8.72 2.27
CA VAL A 170 4.79 7.41 2.80
C VAL A 170 4.00 6.27 2.11
N CYS A 171 4.68 5.16 1.84
CA CYS A 171 4.06 3.99 1.20
C CYS A 171 3.88 2.87 2.22
N VAL A 172 2.64 2.66 2.63
CA VAL A 172 2.29 1.58 3.56
C VAL A 172 1.07 0.81 3.01
N PRO A 173 1.32 -0.42 2.51
CA PRO A 173 0.26 -1.26 1.95
C PRO A 173 -0.92 -1.41 2.89
N THR A 174 -2.13 -1.28 2.34
CA THR A 174 -3.33 -1.58 3.08
C THR A 174 -3.69 -3.04 2.85
N THR A 175 -3.98 -3.75 3.94
CA THR A 175 -4.45 -5.13 3.89
C THR A 175 -5.84 -5.22 4.57
N GLY A 176 -6.74 -6.00 3.99
CA GLY A 176 -8.09 -6.11 4.52
C GLY A 176 -8.98 -4.91 4.23
N ILE A 177 -9.85 -4.59 5.21
CA ILE A 177 -10.94 -3.62 5.03
C ILE A 177 -11.19 -2.81 6.30
N ILE A 178 -11.02 -1.49 6.18
CA ILE A 178 -11.03 -0.57 7.31
C ILE A 178 -12.01 0.58 7.13
N GLU A 179 -12.85 0.81 8.13
CA GLU A 179 -13.82 1.90 8.08
C GLU A 179 -13.24 3.15 8.70
N TYR A 180 -13.26 4.23 7.94
CA TYR A 180 -12.79 5.53 8.40
C TYR A 180 -13.93 6.55 8.33
N PRO A 181 -14.67 6.72 9.44
CA PRO A 181 -15.81 7.63 9.50
C PRO A 181 -15.46 9.08 9.78
N PHE A 182 -15.99 10.01 9.00
CA PHE A 182 -15.76 11.44 9.18
C PHE A 182 -17.09 12.20 9.22
N ASP A 183 -17.27 13.08 10.22
CA ASP A 183 -18.49 13.91 10.30
C ASP A 183 -18.31 15.26 9.61
N LEU A 184 -18.88 15.40 8.42
CA LEU A 184 -19.00 16.70 7.78
C LEU A 184 -20.22 17.39 8.38
N GLN A 185 -20.37 18.68 8.09
CA GLN A 185 -21.44 19.49 8.67
C GLN A 185 -22.77 18.71 8.78
N SER A 186 -23.37 18.40 7.64
CA SER A 186 -24.70 17.81 7.59
C SER A 186 -24.74 16.30 7.90
N VAL A 187 -23.69 15.57 7.47
CA VAL A 187 -23.72 14.10 7.44
C VAL A 187 -22.44 13.44 7.96
N ILE A 188 -22.54 12.17 8.31
CA ILE A 188 -21.37 11.34 8.63
C ILE A 188 -21.04 10.40 7.48
N PHE A 189 -20.08 10.76 6.62
CA PHE A 189 -19.56 9.86 5.57
C PHE A 189 -18.70 8.74 6.15
N ARG A 190 -19.07 7.50 5.87
CA ARG A 190 -18.31 6.34 6.31
C ARG A 190 -17.52 5.78 5.14
N MET A 191 -16.21 6.03 5.17
CA MET A 191 -15.31 5.70 4.08
C MET A 191 -14.68 4.36 4.38
N VAL A 192 -14.41 3.58 3.34
CA VAL A 192 -13.84 2.25 3.55
C VAL A 192 -12.63 2.02 2.65
N ASP A 193 -11.46 1.90 3.28
CA ASP A 193 -10.22 1.61 2.59
C ASP A 193 -10.10 0.08 2.49
N VAL A 194 -9.62 -0.40 1.34
CA VAL A 194 -9.48 -1.82 1.08
C VAL A 194 -8.10 -2.09 0.51
N GLY A 195 -7.79 -3.37 0.39
CA GLY A 195 -6.56 -3.80 -0.27
C GLY A 195 -6.75 -3.80 -1.77
N GLY A 196 -5.86 -3.11 -2.48
CA GLY A 196 -5.93 -3.02 -3.95
C GLY A 196 -5.51 -4.28 -4.70
N GLN A 197 -4.64 -5.09 -4.09
CA GLN A 197 -4.08 -6.28 -4.77
C GLN A 197 -5.12 -7.37 -5.02
N ARG A 198 -4.83 -8.22 -6.00
CA ARG A 198 -5.68 -9.37 -6.32
C ARG A 198 -6.08 -10.15 -5.07
N SER A 199 -5.07 -10.46 -4.24
CA SER A 199 -5.28 -11.26 -3.03
C SER A 199 -6.36 -10.68 -2.13
N GLU A 200 -6.45 -9.36 -2.08
CA GLU A 200 -7.41 -8.71 -1.21
C GLU A 200 -8.81 -8.59 -1.81
N ARG A 201 -8.93 -8.67 -3.14
CA ARG A 201 -10.24 -8.48 -3.79
C ARG A 201 -11.33 -9.48 -3.42
N ARG A 202 -10.93 -10.68 -3.00
CA ARG A 202 -11.88 -11.64 -2.49
C ARG A 202 -12.52 -11.17 -1.19
N LYS A 203 -11.84 -10.27 -0.48
CA LYS A 203 -12.33 -9.77 0.81
C LYS A 203 -13.37 -8.65 0.64
N TRP A 204 -13.31 -7.93 -0.48
CA TRP A 204 -14.17 -6.77 -0.75
C TRP A 204 -15.64 -7.06 -0.63
N ILE A 205 -16.00 -8.30 -0.89
CA ILE A 205 -17.32 -8.84 -0.55
C ILE A 205 -17.85 -8.30 0.77
N HIS A 206 -17.00 -8.27 1.80
CA HIS A 206 -17.42 -7.97 3.17
C HIS A 206 -17.86 -6.52 3.42
N CYS A 207 -17.77 -5.67 2.40
CA CYS A 207 -18.14 -4.24 2.54
C CYS A 207 -19.08 -3.72 1.45
N PHE A 208 -19.81 -4.61 0.78
CA PHE A 208 -20.59 -4.24 -0.41
C PHE A 208 -22.06 -3.89 -0.15
N GLU A 209 -22.57 -4.30 1.02
CA GLU A 209 -23.91 -3.97 1.44
C GLU A 209 -24.00 -2.45 1.66
N ASN A 210 -25.10 -1.83 1.24
CA ASN A 210 -25.50 -0.54 1.78
C ASN A 210 -24.63 0.63 1.32
N VAL A 211 -24.22 0.59 0.05
CA VAL A 211 -23.23 1.54 -0.45
C VAL A 211 -23.84 2.66 -1.30
N THR A 212 -23.74 3.89 -0.80
CA THR A 212 -24.23 5.05 -1.53
C THR A 212 -23.44 5.39 -2.78
N SER A 213 -22.11 5.19 -2.71
CA SER A 213 -21.24 5.61 -3.77
C SER A 213 -19.89 4.91 -3.77
N ILE A 214 -19.45 4.47 -4.94
CA ILE A 214 -18.09 3.97 -5.13
C ILE A 214 -17.21 5.11 -5.59
N MET A 215 -15.99 5.14 -5.07
CA MET A 215 -14.98 6.09 -5.49
C MET A 215 -13.80 5.27 -5.97
N PHE A 216 -13.65 5.21 -7.28
CA PHE A 216 -12.75 4.25 -7.88
C PHE A 216 -11.52 5.00 -8.34
N LEU A 217 -10.40 4.72 -7.68
CA LEU A 217 -9.14 5.39 -7.96
C LEU A 217 -8.36 4.62 -9.02
N VAL A 218 -7.67 5.37 -9.87
CA VAL A 218 -6.81 4.85 -10.93
C VAL A 218 -5.53 5.70 -10.94
N ALA A 219 -4.37 5.06 -10.83
CA ALA A 219 -3.12 5.78 -11.03
C ALA A 219 -2.97 6.11 -12.53
N LEU A 220 -3.04 7.41 -12.87
CA LEU A 220 -2.81 7.87 -14.26
C LEU A 220 -1.42 7.46 -14.71
N SER A 221 -0.46 7.58 -13.81
CA SER A 221 0.92 7.22 -14.08
C SER A 221 1.16 5.72 -14.36
N GLU A 222 0.13 4.88 -14.26
CA GLU A 222 0.36 3.42 -14.33
C GLU A 222 0.33 2.83 -15.76
N TYR A 223 0.15 3.66 -16.79
CA TYR A 223 -0.05 3.15 -18.16
C TYR A 223 1.12 2.33 -18.74
N ASP A 224 2.32 2.47 -18.15
CA ASP A 224 3.52 1.76 -18.63
C ASP A 224 4.20 0.82 -17.62
N GLN A 225 3.56 0.59 -16.47
CA GLN A 225 4.08 -0.32 -15.46
C GLN A 225 3.46 -1.71 -15.64
N VAL A 226 4.01 -2.70 -14.95
CA VAL A 226 3.43 -4.06 -14.87
C VAL A 226 3.03 -4.38 -13.41
N LEU A 227 2.26 -5.45 -13.20
CA LEU A 227 1.63 -5.71 -11.89
C LEU A 227 2.58 -6.38 -10.89
N VAL A 228 2.53 -5.95 -9.62
CA VAL A 228 3.33 -6.56 -8.54
C VAL A 228 2.97 -8.04 -8.37
N GLU A 229 1.68 -8.34 -8.53
CA GLU A 229 1.11 -9.67 -8.32
C GLU A 229 1.46 -10.71 -9.41
N SER A 230 1.90 -10.25 -10.59
CA SER A 230 2.29 -11.15 -11.67
C SER A 230 3.25 -10.50 -12.65
N ASP A 231 4.00 -11.33 -13.36
CA ASP A 231 4.94 -10.85 -14.37
C ASP A 231 4.21 -10.58 -15.67
N ASN A 232 4.61 -9.49 -16.34
CA ASN A 232 4.19 -9.17 -17.70
C ASN A 232 2.68 -9.08 -17.86
N GLU A 233 2.08 -8.18 -17.09
CA GLU A 233 0.65 -7.85 -17.21
C GLU A 233 0.42 -6.37 -16.92
N ASN A 234 -0.13 -5.65 -17.92
CA ASN A 234 -0.23 -4.17 -17.88
C ASN A 234 -1.19 -3.63 -16.84
N ARG A 235 -0.69 -2.73 -15.99
CA ARG A 235 -1.42 -2.23 -14.82
C ARG A 235 -2.74 -1.53 -15.17
N MET A 236 -2.74 -0.76 -16.25
CA MET A 236 -3.94 -0.04 -16.62
C MET A 236 -4.98 -0.99 -17.19
N GLU A 237 -4.54 -2.00 -17.94
CA GLU A 237 -5.44 -3.04 -18.46
C GLU A 237 -6.14 -3.78 -17.31
N GLU A 238 -5.44 -3.90 -16.18
CA GLU A 238 -6.05 -4.39 -14.94
C GLU A 238 -7.21 -3.49 -14.46
N SER A 239 -6.93 -2.19 -14.31
CA SER A 239 -7.90 -1.23 -13.78
C SER A 239 -9.17 -1.14 -14.62
N LYS A 240 -9.00 -1.01 -15.92
CA LYS A 240 -10.13 -1.08 -16.82
C LYS A 240 -10.93 -2.34 -16.50
N ALA A 241 -10.24 -3.47 -16.46
CA ALA A 241 -10.87 -4.76 -16.18
C ALA A 241 -11.69 -4.72 -14.90
N LEU A 242 -11.09 -4.20 -13.84
CA LEU A 242 -11.69 -4.17 -12.53
C LEU A 242 -12.87 -3.22 -12.47
N PHE A 243 -12.69 -2.04 -13.04
CA PHE A 243 -13.72 -1.03 -13.06
C PHE A 243 -15.01 -1.55 -13.70
N ARG A 244 -14.86 -2.14 -14.88
CA ARG A 244 -15.95 -2.78 -15.58
C ARG A 244 -16.74 -3.77 -14.71
N THR A 245 -16.00 -4.52 -13.89
CA THR A 245 -16.61 -5.58 -13.11
C THR A 245 -17.42 -4.94 -12.01
N ILE A 246 -16.78 -4.02 -11.30
CA ILE A 246 -17.41 -3.29 -10.22
C ILE A 246 -18.71 -2.64 -10.66
N ILE A 247 -18.61 -1.75 -11.65
CA ILE A 247 -19.77 -1.23 -12.39
C ILE A 247 -20.88 -2.26 -12.65
N THR A 248 -20.49 -3.38 -13.25
CA THR A 248 -21.39 -4.48 -13.61
C THR A 248 -22.17 -5.06 -12.41
N TYR A 249 -21.66 -4.91 -11.19
CA TYR A 249 -22.31 -5.50 -10.02
C TYR A 249 -23.72 -4.92 -9.83
N PRO A 250 -24.71 -5.81 -9.66
CA PRO A 250 -26.13 -5.39 -9.60
C PRO A 250 -26.54 -4.69 -8.30
N TRP A 251 -25.81 -4.98 -7.24
CA TRP A 251 -26.05 -4.34 -5.95
C TRP A 251 -25.46 -2.94 -5.97
N PHE A 252 -24.76 -2.59 -7.04
CA PHE A 252 -24.31 -1.22 -7.22
C PHE A 252 -25.09 -0.40 -8.26
N GLN A 253 -26.28 -0.86 -8.66
CA GLN A 253 -27.04 -0.12 -9.67
C GLN A 253 -27.62 1.18 -9.15
N ASN A 254 -27.80 1.27 -7.84
CA ASN A 254 -28.28 2.50 -7.22
C ASN A 254 -27.23 3.23 -6.43
N SER A 255 -25.97 2.93 -6.72
CA SER A 255 -24.86 3.65 -6.13
C SER A 255 -24.33 4.60 -7.17
N SER A 256 -23.87 5.75 -6.72
CA SER A 256 -23.21 6.71 -7.58
C SER A 256 -21.77 6.25 -7.77
N VAL A 257 -21.28 6.35 -9.00
CA VAL A 257 -19.93 5.90 -9.32
C VAL A 257 -19.08 7.08 -9.73
N ILE A 258 -18.11 7.43 -8.88
CA ILE A 258 -17.18 8.53 -9.12
C ILE A 258 -15.77 8.02 -9.36
N LEU A 259 -15.21 8.35 -10.53
CA LEU A 259 -13.88 7.91 -10.96
C LEU A 259 -12.80 8.97 -10.70
N PHE A 260 -11.69 8.57 -10.11
CA PHE A 260 -10.60 9.50 -9.82
C PHE A 260 -9.35 9.11 -10.56
N LEU A 261 -9.01 9.90 -11.58
CA LEU A 261 -7.79 9.68 -12.33
C LEU A 261 -6.62 10.35 -11.59
N ASN A 262 -6.00 9.55 -10.71
CA ASN A 262 -5.05 10.03 -9.71
C ASN A 262 -3.62 10.07 -10.23
N LYS A 263 -2.72 10.64 -9.42
CA LYS A 263 -1.30 10.74 -9.78
C LYS A 263 -1.15 11.49 -11.11
N LYS A 264 -1.86 12.61 -11.23
CA LYS A 264 -1.85 13.45 -12.44
C LYS A 264 -0.52 14.17 -12.60
N ASP A 265 0.10 14.46 -11.46
CA ASP A 265 1.41 15.09 -11.42
C ASP A 265 2.46 14.13 -11.96
N LEU A 266 2.37 12.86 -11.59
CA LEU A 266 3.32 11.87 -12.06
C LEU A 266 3.11 11.65 -13.56
N LEU A 267 1.89 11.89 -14.03
CA LEU A 267 1.59 11.85 -15.46
C LEU A 267 2.28 12.97 -16.23
N GLU A 268 2.39 14.15 -15.63
CA GLU A 268 3.06 15.27 -16.29
C GLU A 268 4.55 14.99 -16.50
N GLU A 269 5.17 14.28 -15.56
CA GLU A 269 6.55 13.79 -15.72
C GLU A 269 6.67 12.69 -16.79
N LYS A 270 5.82 11.67 -16.68
CA LYS A 270 5.97 10.41 -17.41
C LYS A 270 5.79 10.55 -18.93
N ILE A 271 4.76 11.30 -19.35
CA ILE A 271 4.34 11.38 -20.78
C ILE A 271 5.40 12.02 -21.69
N MET A 272 6.38 12.69 -21.08
CA MET A 272 7.44 13.35 -21.81
C MET A 272 8.59 12.41 -22.25
N TYR A 273 8.51 11.11 -21.96
CA TYR A 273 9.46 10.11 -22.54
C TYR A 273 8.90 8.71 -22.78
N SER A 274 7.92 8.29 -21.98
CA SER A 274 7.18 7.05 -22.21
C SER A 274 5.92 7.38 -23.00
N HIS A 275 5.75 6.74 -24.16
CA HIS A 275 4.73 7.14 -25.14
C HIS A 275 3.49 6.30 -25.13
N LEU A 276 2.42 6.84 -24.58
CA LEU A 276 1.16 6.11 -24.42
C LEU A 276 0.85 5.23 -25.62
N VAL A 277 1.15 5.72 -26.82
CA VAL A 277 0.77 5.04 -28.07
C VAL A 277 1.37 3.63 -28.20
N ASP A 278 2.52 3.40 -27.57
CA ASP A 278 3.17 2.08 -27.61
C ASP A 278 2.50 1.06 -26.68
N TYR A 279 1.67 1.51 -25.75
CA TYR A 279 0.91 0.62 -24.83
C TYR A 279 -0.56 0.52 -25.20
N PHE A 280 -1.13 1.65 -25.64
CA PHE A 280 -2.50 1.69 -26.14
C PHE A 280 -2.51 2.24 -27.55
N PRO A 281 -2.29 1.36 -28.55
CA PRO A 281 -2.12 1.79 -29.93
C PRO A 281 -3.40 2.40 -30.54
N GLU A 282 -4.44 2.55 -29.72
CA GLU A 282 -5.65 3.20 -30.16
C GLU A 282 -5.37 4.68 -30.25
N TYR A 283 -4.64 5.18 -29.26
CA TYR A 283 -4.42 6.61 -29.08
C TYR A 283 -3.96 7.35 -30.36
N ASP A 284 -4.91 7.98 -31.03
CA ASP A 284 -4.65 8.75 -32.25
C ASP A 284 -4.17 10.18 -31.97
N GLY A 285 -4.30 10.62 -30.71
CA GLY A 285 -3.85 11.94 -30.30
C GLY A 285 -2.33 12.08 -30.30
N PRO A 286 -1.83 13.31 -30.08
CA PRO A 286 -0.40 13.62 -30.14
C PRO A 286 0.38 13.19 -28.89
N GLN A 287 1.68 12.99 -29.05
CA GLN A 287 2.53 12.56 -27.95
C GLN A 287 2.97 13.74 -27.10
N ARG A 288 3.63 13.44 -25.98
CA ARG A 288 4.17 14.45 -25.07
C ARG A 288 3.15 15.49 -24.58
N ASP A 289 1.87 15.10 -24.49
CA ASP A 289 0.83 15.95 -23.89
C ASP A 289 0.11 15.22 -22.77
N ALA A 290 0.26 15.77 -21.56
CA ALA A 290 -0.40 15.24 -20.36
C ALA A 290 -1.89 15.27 -20.57
N GLN A 291 -2.41 16.45 -20.88
CA GLN A 291 -3.83 16.62 -20.99
C GLN A 291 -4.44 15.66 -22.02
N ALA A 292 -4.11 15.85 -23.31
CA ALA A 292 -4.70 15.02 -24.38
C ALA A 292 -4.58 13.52 -24.12
N ALA A 293 -3.52 13.12 -23.41
CA ALA A 293 -3.35 11.74 -23.00
C ALA A 293 -4.42 11.31 -21.99
N ARG A 294 -4.57 12.11 -20.92
CA ARG A 294 -5.48 11.77 -19.83
C ARG A 294 -6.95 11.86 -20.22
N GLU A 295 -7.28 12.73 -21.17
CA GLU A 295 -8.64 12.83 -21.68
C GLU A 295 -8.98 11.52 -22.37
N PHE A 296 -7.99 10.96 -23.05
CA PHE A 296 -8.16 9.67 -23.69
C PHE A 296 -8.33 8.59 -22.64
N ILE A 297 -7.51 8.65 -21.59
CA ILE A 297 -7.59 7.68 -20.49
C ILE A 297 -9.00 7.67 -19.92
N LEU A 298 -9.56 8.85 -19.72
CA LEU A 298 -10.91 8.98 -19.18
C LEU A 298 -11.95 8.36 -20.11
N LYS A 299 -11.86 8.67 -21.39
CA LYS A 299 -12.77 8.12 -22.37
C LYS A 299 -12.76 6.61 -22.26
N MET A 300 -11.57 6.02 -22.28
CA MET A 300 -11.39 4.58 -22.11
C MET A 300 -12.20 3.98 -20.96
N PHE A 301 -12.20 4.67 -19.82
CA PHE A 301 -12.89 4.18 -18.64
C PHE A 301 -14.39 4.37 -18.73
N VAL A 302 -14.81 5.58 -19.12
CA VAL A 302 -16.25 5.88 -19.34
C VAL A 302 -16.89 4.90 -20.34
N ASP A 303 -16.14 4.52 -21.37
CA ASP A 303 -16.62 3.60 -22.41
C ASP A 303 -16.92 2.18 -21.91
N LEU A 304 -16.29 1.79 -20.81
CA LEU A 304 -16.48 0.44 -20.28
C LEU A 304 -17.87 0.27 -19.69
N ASN A 305 -18.56 1.40 -19.47
CA ASN A 305 -19.94 1.40 -18.98
C ASN A 305 -20.95 0.85 -19.98
N PRO A 306 -21.73 -0.18 -19.57
CA PRO A 306 -22.87 -0.62 -20.39
C PRO A 306 -24.15 0.22 -20.18
N ASP A 307 -24.49 0.49 -18.92
CA ASP A 307 -25.75 1.14 -18.55
C ASP A 307 -25.82 2.61 -19.02
N SER A 308 -26.74 2.92 -19.93
CA SER A 308 -26.86 4.27 -20.54
C SER A 308 -27.48 5.34 -19.63
N ASP A 309 -28.37 4.92 -18.72
CA ASP A 309 -28.99 5.85 -17.75
C ASP A 309 -28.07 6.19 -16.58
N LYS A 310 -27.03 5.36 -16.37
CA LYS A 310 -26.08 5.56 -15.28
C LYS A 310 -24.97 6.50 -15.72
N ILE A 311 -24.90 7.66 -15.07
CA ILE A 311 -23.91 8.70 -15.39
C ILE A 311 -22.71 8.63 -14.43
N ILE A 312 -21.51 8.67 -15.00
CA ILE A 312 -20.23 8.42 -14.30
C ILE A 312 -19.43 9.69 -14.06
N TYR A 313 -19.46 10.19 -12.83
CA TYR A 313 -18.82 11.47 -12.48
C TYR A 313 -17.33 11.24 -12.33
N SER A 314 -16.50 12.16 -12.80
CA SER A 314 -15.03 11.96 -12.74
C SER A 314 -14.22 13.16 -12.25
N HIS A 315 -12.95 12.91 -11.96
CA HIS A 315 -12.04 13.95 -11.51
C HIS A 315 -10.63 13.53 -11.75
N PHE A 316 -9.77 14.51 -12.03
CA PHE A 316 -8.33 14.30 -12.10
C PHE A 316 -7.74 14.79 -10.80
N THR A 317 -6.92 13.97 -10.15
CA THR A 317 -6.40 14.33 -8.83
C THR A 317 -4.92 14.03 -8.62
N CYS A 318 -4.29 14.84 -7.78
CA CYS A 318 -3.02 14.48 -7.16
C CYS A 318 -3.28 14.31 -5.67
N ALA A 319 -3.24 13.05 -5.20
CA ALA A 319 -3.63 12.70 -3.83
C ALA A 319 -2.68 13.23 -2.75
N THR A 320 -1.47 13.58 -3.16
CA THR A 320 -0.48 14.13 -2.24
C THR A 320 -0.58 15.67 -2.10
N ASP A 321 -1.56 16.31 -2.76
CA ASP A 321 -1.78 17.77 -2.62
C ASP A 321 -3.11 18.11 -1.95
N THR A 322 -3.05 18.72 -0.77
CA THR A 322 -4.23 18.95 0.05
C THR A 322 -5.10 20.07 -0.48
N GLU A 323 -4.48 21.13 -0.99
CA GLU A 323 -5.23 22.25 -1.53
C GLU A 323 -6.03 21.85 -2.77
N ASN A 324 -5.54 20.87 -3.51
CA ASN A 324 -6.25 20.35 -4.68
C ASN A 324 -7.47 19.55 -4.28
N ILE A 325 -7.26 18.59 -3.36
CA ILE A 325 -8.33 17.70 -2.93
C ILE A 325 -9.55 18.46 -2.40
N ARG A 326 -9.30 19.54 -1.67
CA ARG A 326 -10.38 20.31 -1.05
C ARG A 326 -11.40 20.82 -2.08
N PHE A 327 -10.94 21.22 -3.27
CA PHE A 327 -11.83 21.68 -4.34
C PHE A 327 -12.45 20.47 -5.06
N VAL A 328 -11.95 19.27 -4.78
CA VAL A 328 -12.60 18.04 -5.24
C VAL A 328 -13.56 17.47 -4.20
N PHE A 329 -13.09 17.20 -2.98
CA PHE A 329 -13.99 16.63 -1.95
C PHE A 329 -15.08 17.60 -1.43
N ALA A 330 -14.88 18.91 -1.57
CA ALA A 330 -15.97 19.86 -1.34
C ALA A 330 -16.96 19.73 -2.49
N ALA A 331 -16.42 19.49 -3.69
CA ALA A 331 -17.23 19.34 -4.90
C ALA A 331 -17.95 18.00 -4.94
N VAL A 332 -17.26 16.95 -4.53
CA VAL A 332 -17.83 15.60 -4.50
C VAL A 332 -18.84 15.43 -3.36
N LYS A 333 -18.63 16.15 -2.25
CA LYS A 333 -19.65 16.25 -1.19
C LYS A 333 -20.96 16.68 -1.84
N ASP A 334 -20.89 17.83 -2.52
CA ASP A 334 -22.05 18.44 -3.18
C ASP A 334 -22.73 17.45 -4.16
N THR A 335 -21.93 16.71 -4.92
CA THR A 335 -22.48 15.72 -5.85
C THR A 335 -23.25 14.63 -5.11
N ILE A 336 -22.59 14.00 -4.14
CA ILE A 336 -23.17 12.83 -3.48
C ILE A 336 -24.39 13.19 -2.64
N LEU A 337 -24.37 14.39 -2.06
CA LEU A 337 -25.55 14.90 -1.36
C LEU A 337 -26.73 15.06 -2.31
N GLN A 338 -26.54 15.85 -3.36
CA GLN A 338 -27.60 16.07 -4.34
C GLN A 338 -28.17 14.76 -4.89
N LEU A 339 -27.31 13.76 -5.09
CA LEU A 339 -27.75 12.45 -5.55
C LEU A 339 -28.58 11.72 -4.48
N ASN A 340 -27.96 11.47 -3.32
CA ASN A 340 -28.62 10.66 -2.28
C ASN A 340 -29.13 11.46 -1.07
N LEU A 341 -29.56 12.71 -1.29
CA LEU A 341 -30.42 13.45 -0.33
C LEU A 341 -31.73 13.84 -1.03
N LYS A 342 -31.68 14.84 -1.90
CA LYS A 342 -32.88 15.39 -2.54
C LYS A 342 -33.14 14.71 -3.89
N PHE B 3 -10.25 -18.00 33.90
CA PHE B 3 -9.35 -16.83 34.06
C PHE B 3 -8.52 -16.53 32.82
N GLY B 4 -7.59 -15.58 32.94
CA GLY B 4 -6.67 -15.20 31.86
C GLY B 4 -6.46 -13.70 31.65
N SER B 5 -7.11 -12.86 32.47
CA SER B 5 -7.21 -11.42 32.22
C SER B 5 -5.92 -10.65 32.57
N PRO B 6 -5.62 -9.59 31.79
CA PRO B 6 -4.49 -8.68 32.03
C PRO B 6 -4.87 -7.40 32.77
N SER B 7 -3.97 -6.88 33.60
CA SER B 7 -4.20 -5.63 34.32
C SER B 7 -4.11 -4.48 33.32
N PRO B 8 -4.63 -3.30 33.70
CA PRO B 8 -4.56 -2.19 32.74
C PRO B 8 -3.11 -1.78 32.50
N GLU B 9 -2.33 -1.76 33.59
CA GLU B 9 -0.90 -1.48 33.51
C GLU B 9 -0.24 -2.45 32.54
N GLU B 10 -0.53 -3.73 32.72
CA GLU B 10 0.00 -4.77 31.84
C GLU B 10 -0.32 -4.55 30.36
N ALA B 11 -1.56 -4.16 30.09
CA ALA B 11 -2.02 -3.94 28.72
C ALA B 11 -1.48 -2.65 28.12
N GLN B 12 -1.23 -1.66 28.97
CA GLN B 12 -0.64 -0.40 28.53
C GLN B 12 0.76 -0.60 27.98
N LEU B 13 1.48 -1.56 28.56
CA LEU B 13 2.80 -1.91 28.08
C LEU B 13 2.78 -2.30 26.60
N TRP B 14 1.65 -2.83 26.11
CA TRP B 14 1.54 -3.27 24.72
C TRP B 14 1.69 -2.13 23.75
N SER B 15 1.59 -0.89 24.23
CA SER B 15 1.83 0.30 23.41
C SER B 15 3.32 0.53 23.10
N GLU B 16 4.20 0.14 24.03
CA GLU B 16 5.66 0.34 23.92
C GLU B 16 6.18 -0.11 22.57
N ALA B 17 5.79 -1.32 22.18
CA ALA B 17 6.16 -1.90 20.90
C ALA B 17 5.29 -3.13 20.59
N PHE B 18 5.36 -3.56 19.34
CA PHE B 18 4.59 -4.68 18.82
C PHE B 18 4.91 -6.00 19.51
N ASP B 19 6.12 -6.12 20.05
CA ASP B 19 6.55 -7.34 20.72
C ASP B 19 5.99 -7.48 22.12
N GLU B 20 5.75 -6.35 22.81
CA GLU B 20 5.17 -6.40 24.15
C GLU B 20 3.74 -6.96 24.11
N LEU B 21 3.05 -6.68 23.01
CA LEU B 21 1.75 -7.26 22.76
C LEU B 21 1.83 -8.76 22.52
N LEU B 22 2.71 -9.13 21.60
CA LEU B 22 2.80 -10.53 21.17
C LEU B 22 3.31 -11.42 22.30
N ALA B 23 4.21 -10.87 23.12
CA ALA B 23 4.65 -11.55 24.34
C ALA B 23 3.43 -11.99 25.16
N SER B 24 2.41 -11.12 25.23
CA SER B 24 1.19 -11.37 26.02
C SER B 24 0.27 -12.40 25.36
N LYS B 25 -0.05 -13.46 26.11
CA LYS B 25 -0.92 -14.51 25.60
C LYS B 25 -2.28 -13.91 25.28
N TYR B 26 -2.82 -13.15 26.22
CA TYR B 26 -4.09 -12.48 26.03
C TYR B 26 -3.94 -11.42 24.94
N GLY B 27 -2.99 -10.51 25.11
CA GLY B 27 -2.73 -9.46 24.13
C GLY B 27 -2.79 -9.98 22.70
N LEU B 28 -2.19 -11.15 22.50
CA LEU B 28 -2.26 -11.83 21.20
C LEU B 28 -3.70 -12.16 20.80
N ALA B 29 -4.44 -12.78 21.72
CA ALA B 29 -5.85 -13.14 21.48
C ALA B 29 -6.66 -11.93 21.06
N ALA B 30 -6.51 -10.82 21.77
CA ALA B 30 -7.20 -9.58 21.43
C ALA B 30 -6.85 -9.07 20.03
N PHE B 31 -5.57 -9.08 19.71
CA PHE B 31 -5.09 -8.54 18.43
C PHE B 31 -5.61 -9.35 17.23
N ARG B 32 -5.69 -10.65 17.41
CA ARG B 32 -6.25 -11.53 16.40
C ARG B 32 -7.71 -11.14 16.16
N ALA B 33 -8.49 -11.16 17.25
CA ALA B 33 -9.88 -10.72 17.26
C ALA B 33 -10.02 -9.42 16.48
N PHE B 34 -9.08 -8.51 16.69
CA PHE B 34 -9.12 -7.26 15.97
C PHE B 34 -8.94 -7.52 14.48
N LEU B 35 -7.83 -8.16 14.10
CA LEU B 35 -7.56 -8.46 12.69
C LEU B 35 -8.72 -9.20 12.00
N LYS B 36 -9.45 -10.03 12.74
CA LYS B 36 -10.66 -10.64 12.19
C LYS B 36 -11.67 -9.55 11.83
N SER B 37 -11.82 -8.57 12.71
CA SER B 37 -12.79 -7.50 12.46
C SER B 37 -12.48 -6.67 11.20
N GLU B 38 -11.24 -6.74 10.72
CA GLU B 38 -10.84 -6.03 9.50
C GLU B 38 -10.35 -6.96 8.37
N PHE B 39 -10.57 -8.27 8.56
CA PHE B 39 -10.36 -9.28 7.52
C PHE B 39 -8.94 -9.32 7.01
N CYS B 40 -8.01 -9.41 7.95
CA CYS B 40 -6.61 -9.65 7.64
C CYS B 40 -5.93 -10.36 8.81
N GLU B 41 -6.63 -11.33 9.39
CA GLU B 41 -6.01 -12.20 10.38
C GLU B 41 -5.02 -13.15 9.73
N GLU B 42 -5.05 -13.26 8.40
CA GLU B 42 -4.17 -14.20 7.71
C GLU B 42 -2.71 -13.83 7.86
N ASN B 43 -2.42 -12.55 8.06
CA ASN B 43 -1.05 -12.11 8.27
C ASN B 43 -0.51 -12.69 9.60
N ILE B 44 -1.30 -12.63 10.67
CA ILE B 44 -0.85 -13.09 11.99
C ILE B 44 -0.75 -14.62 12.06
N GLU B 45 -1.67 -15.32 11.42
CA GLU B 45 -1.63 -16.78 11.38
C GLU B 45 -0.39 -17.24 10.66
N PHE B 46 -0.12 -16.59 9.54
CA PHE B 46 1.02 -16.92 8.70
C PHE B 46 2.32 -16.69 9.47
N TRP B 47 2.42 -15.53 10.11
CA TRP B 47 3.57 -15.21 10.94
C TRP B 47 3.77 -16.25 12.02
N LEU B 48 2.68 -16.59 12.72
CA LEU B 48 2.74 -17.65 13.73
C LEU B 48 3.17 -18.97 13.09
N ALA B 49 2.61 -19.27 11.91
CA ALA B 49 2.98 -20.46 11.12
C ALA B 49 4.47 -20.53 10.81
N CYS B 50 5.05 -19.37 10.54
CA CYS B 50 6.49 -19.26 10.26
C CYS B 50 7.29 -19.47 11.54
N GLU B 51 6.88 -18.80 12.62
CA GLU B 51 7.59 -18.92 13.89
C GLU B 51 7.73 -20.37 14.39
N ASP B 52 6.79 -21.25 14.04
CA ASP B 52 6.95 -22.70 14.33
C ASP B 52 7.87 -23.39 13.32
N PHE B 53 7.63 -23.12 12.04
CA PHE B 53 8.40 -23.71 10.96
C PHE B 53 9.88 -23.44 11.16
N LYS B 54 10.20 -22.21 11.53
CA LYS B 54 11.57 -21.79 11.81
C LYS B 54 12.28 -22.80 12.71
N LYS B 55 11.57 -23.24 13.75
CA LYS B 55 12.12 -24.14 14.78
C LYS B 55 11.99 -25.64 14.47
N THR B 56 11.49 -25.99 13.28
CA THR B 56 11.30 -27.39 12.89
C THR B 56 12.65 -28.08 12.63
N LYS B 57 12.76 -29.31 13.10
CA LYS B 57 14.05 -30.02 13.17
C LYS B 57 14.20 -31.04 12.04
N SER B 58 13.33 -32.05 12.05
CA SER B 58 13.46 -33.21 11.16
C SER B 58 13.14 -32.85 9.71
N PRO B 59 13.96 -33.33 8.75
CA PRO B 59 13.83 -32.92 7.35
C PRO B 59 12.55 -33.45 6.70
N GLN B 60 11.83 -34.30 7.41
CA GLN B 60 10.50 -34.72 7.00
C GLN B 60 9.49 -33.61 7.27
N LYS B 61 9.34 -33.23 8.53
CA LYS B 61 8.43 -32.15 8.90
C LYS B 61 8.88 -30.84 8.24
N LEU B 62 10.19 -30.64 8.18
CA LEU B 62 10.77 -29.46 7.54
C LEU B 62 10.44 -29.39 6.05
N SER B 63 9.90 -30.46 5.48
CA SER B 63 9.50 -30.48 4.07
C SER B 63 7.99 -30.61 3.83
N SER B 64 7.27 -31.19 4.79
CA SER B 64 5.81 -31.34 4.68
C SER B 64 5.04 -30.15 5.28
N LYS B 65 5.64 -29.47 6.27
CA LYS B 65 5.12 -28.17 6.75
C LYS B 65 5.41 -27.12 5.70
N ALA B 66 6.55 -27.25 5.03
CA ALA B 66 6.92 -26.39 3.92
C ALA B 66 5.81 -26.35 2.88
N ARG B 67 5.17 -27.49 2.63
CA ARG B 67 4.06 -27.56 1.70
C ARG B 67 2.77 -27.01 2.31
N LYS B 68 2.53 -27.31 3.58
CA LYS B 68 1.31 -26.86 4.26
C LYS B 68 1.16 -25.35 4.14
N ILE B 69 2.23 -24.64 4.47
CA ILE B 69 2.24 -23.18 4.47
C ILE B 69 2.04 -22.62 3.07
N TYR B 70 2.76 -23.18 2.11
CA TYR B 70 2.73 -22.69 0.73
C TYR B 70 1.31 -22.65 0.22
N THR B 71 0.62 -23.78 0.34
CA THR B 71 -0.76 -23.91 -0.17
C THR B 71 -1.74 -22.97 0.53
N ASP B 72 -1.64 -22.91 1.86
CA ASP B 72 -2.53 -22.05 2.66
C ASP B 72 -2.38 -20.56 2.39
N PHE B 73 -1.15 -20.09 2.11
CA PHE B 73 -0.86 -18.65 2.07
C PHE B 73 -0.22 -18.09 0.80
N ILE B 74 0.49 -18.92 0.04
CA ILE B 74 1.30 -18.43 -1.07
C ILE B 74 0.74 -18.74 -2.46
N GLU B 75 0.48 -20.02 -2.75
CA GLU B 75 -0.24 -20.42 -3.98
C GLU B 75 -1.34 -19.38 -4.31
N LYS B 76 -1.39 -18.88 -5.55
CA LYS B 76 -2.41 -17.89 -5.92
C LYS B 76 -3.83 -18.45 -5.73
N GLU B 77 -4.78 -17.57 -5.42
CA GLU B 77 -6.12 -17.96 -4.97
C GLU B 77 -6.11 -18.95 -3.79
N ALA B 78 -5.06 -18.88 -2.95
CA ALA B 78 -4.98 -19.72 -1.74
C ALA B 78 -5.98 -19.18 -0.72
N PRO B 79 -6.64 -20.07 0.04
CA PRO B 79 -7.68 -19.63 0.99
C PRO B 79 -7.24 -18.48 1.88
N LYS B 80 -5.98 -18.50 2.31
CA LYS B 80 -5.45 -17.48 3.21
C LYS B 80 -4.32 -16.67 2.55
N GLU B 81 -4.45 -16.41 1.25
CA GLU B 81 -3.40 -15.75 0.50
C GLU B 81 -3.01 -14.43 1.14
N ILE B 82 -1.73 -14.31 1.45
CA ILE B 82 -1.18 -13.10 2.05
C ILE B 82 -0.78 -12.12 0.96
N ASN B 83 -0.80 -10.83 1.30
CA ASN B 83 -0.56 -9.74 0.35
C ASN B 83 0.95 -9.46 0.10
N ILE B 84 1.57 -10.24 -0.81
CA ILE B 84 3.02 -10.12 -1.08
C ILE B 84 3.36 -10.20 -2.58
N ASP B 85 4.63 -9.98 -2.92
CA ASP B 85 5.08 -9.80 -4.32
C ASP B 85 5.23 -11.11 -5.07
N PHE B 86 5.06 -11.08 -6.39
CA PHE B 86 5.29 -12.27 -7.23
C PHE B 86 6.74 -12.75 -7.09
N GLN B 87 7.65 -11.79 -7.03
CA GLN B 87 9.06 -12.04 -6.73
C GLN B 87 9.20 -12.98 -5.52
N THR B 88 8.76 -12.51 -4.35
CA THR B 88 8.94 -13.24 -3.09
C THR B 88 8.26 -14.59 -3.13
N LYS B 89 7.06 -14.60 -3.72
CA LYS B 89 6.24 -15.81 -3.85
C LYS B 89 6.95 -16.87 -4.69
N THR B 90 7.62 -16.45 -5.77
CA THR B 90 8.38 -17.37 -6.61
C THR B 90 9.66 -17.80 -5.90
N LEU B 91 10.35 -16.83 -5.30
CA LEU B 91 11.51 -17.09 -4.43
C LEU B 91 11.25 -18.26 -3.51
N ILE B 92 10.05 -18.31 -2.94
CA ILE B 92 9.63 -19.42 -2.10
C ILE B 92 9.38 -20.67 -2.94
N ALA B 93 8.50 -20.55 -3.91
CA ALA B 93 8.06 -21.69 -4.73
C ALA B 93 9.21 -22.64 -5.05
N GLN B 94 10.27 -22.09 -5.61
CA GLN B 94 11.47 -22.86 -5.91
C GLN B 94 12.10 -23.49 -4.63
N ASN B 95 12.27 -22.70 -3.57
CA ASN B 95 12.94 -23.17 -2.35
C ASN B 95 12.31 -24.37 -1.64
N ILE B 96 11.05 -24.68 -1.96
CA ILE B 96 10.24 -25.61 -1.14
C ILE B 96 10.56 -27.11 -1.31
N GLN B 97 11.21 -27.47 -2.42
CA GLN B 97 11.60 -28.88 -2.65
C GLN B 97 12.46 -29.39 -1.50
N GLU B 98 13.51 -28.64 -1.19
CA GLU B 98 14.37 -28.93 -0.05
C GLU B 98 14.40 -27.71 0.88
N ALA B 99 13.28 -27.53 1.58
CA ALA B 99 13.09 -26.38 2.45
C ALA B 99 13.98 -26.45 3.68
N THR B 100 14.53 -25.31 4.05
CA THR B 100 15.25 -25.16 5.31
C THR B 100 14.51 -24.16 6.17
N SER B 101 15.01 -23.94 7.38
CA SER B 101 14.44 -22.97 8.32
C SER B 101 14.18 -21.58 7.69
N GLY B 102 15.13 -21.11 6.89
CA GLY B 102 15.03 -19.77 6.33
C GLY B 102 14.29 -19.69 5.01
N CYS B 103 13.24 -20.49 4.84
CA CYS B 103 12.50 -20.52 3.57
C CYS B 103 11.54 -19.33 3.45
N PHE B 104 10.73 -19.11 4.48
CA PHE B 104 9.70 -18.06 4.47
C PHE B 104 10.14 -16.78 5.17
N THR B 105 11.27 -16.86 5.87
CA THR B 105 11.77 -15.77 6.71
C THR B 105 11.85 -14.40 6.02
N THR B 106 12.01 -14.38 4.70
CA THR B 106 11.85 -13.14 3.94
C THR B 106 10.41 -12.59 4.13
N ALA B 107 9.44 -13.43 3.78
CA ALA B 107 8.02 -13.07 3.82
C ALA B 107 7.52 -12.82 5.23
N GLN B 108 8.05 -13.59 6.18
CA GLN B 108 7.71 -13.42 7.58
C GLN B 108 7.98 -11.99 7.99
N LYS B 109 9.15 -11.49 7.61
CA LYS B 109 9.56 -10.15 7.98
C LYS B 109 8.67 -9.08 7.39
N ARG B 110 8.24 -9.27 6.14
CA ARG B 110 7.39 -8.27 5.50
C ARG B 110 6.04 -8.21 6.18
N VAL B 111 5.47 -9.38 6.40
CA VAL B 111 4.17 -9.49 7.03
C VAL B 111 4.18 -8.89 8.43
N TYR B 112 5.28 -9.07 9.16
CA TYR B 112 5.43 -8.45 10.46
C TYR B 112 5.38 -6.94 10.31
N SER B 113 6.17 -6.42 9.38
CA SER B 113 6.20 -4.97 9.12
C SER B 113 4.82 -4.53 8.66
N LEU B 114 4.15 -5.39 7.90
CA LEU B 114 2.85 -5.08 7.36
C LEU B 114 1.79 -4.94 8.46
N MET B 115 1.96 -5.66 9.58
CA MET B 115 1.13 -5.48 10.78
C MET B 115 1.68 -4.35 11.64
N GLU B 116 2.98 -4.40 11.92
CA GLU B 116 3.65 -3.40 12.75
C GLU B 116 3.14 -2.00 12.37
N ASN B 117 3.18 -1.68 11.08
CA ASN B 117 2.99 -0.30 10.62
C ASN B 117 1.54 0.07 10.28
N ASN B 118 0.62 -0.86 10.47
CA ASN B 118 -0.69 -0.78 9.87
C ASN B 118 -1.75 -1.15 10.91
N SER B 119 -1.94 -2.46 11.11
CA SER B 119 -3.00 -3.01 11.96
C SER B 119 -2.71 -2.75 13.44
N TYR B 120 -1.42 -2.74 13.78
CA TYR B 120 -1.01 -2.58 15.16
C TYR B 120 -1.37 -1.21 15.70
N PRO B 121 -1.02 -0.14 15.00
CA PRO B 121 -1.45 1.18 15.40
C PRO B 121 -2.96 1.28 15.58
N ARG B 122 -3.71 0.68 14.66
CA ARG B 122 -5.17 0.74 14.76
C ARG B 122 -5.69 -0.01 15.98
N PHE B 123 -5.11 -1.18 16.26
CA PHE B 123 -5.48 -1.90 17.46
C PHE B 123 -5.40 -0.97 18.65
N LEU B 124 -4.34 -0.16 18.67
CA LEU B 124 -4.08 0.74 19.79
C LEU B 124 -5.10 1.88 19.86
N GLU B 125 -5.66 2.29 18.72
CA GLU B 125 -6.68 3.36 18.70
C GLU B 125 -8.11 2.80 18.79
N SER B 126 -8.22 1.49 19.03
CA SER B 126 -9.52 0.83 19.18
C SER B 126 -10.14 1.10 20.54
N GLU B 127 -11.46 1.01 20.62
CA GLU B 127 -12.17 1.12 21.89
C GLU B 127 -12.01 -0.12 22.78
N PHE B 128 -11.84 -1.30 22.18
CA PHE B 128 -11.62 -2.54 22.95
C PHE B 128 -10.32 -2.44 23.76
N TYR B 129 -9.26 -1.95 23.11
CA TYR B 129 -7.98 -1.75 23.78
C TYR B 129 -8.08 -0.67 24.85
N GLN B 130 -8.46 0.55 24.45
CA GLN B 130 -8.50 1.67 25.38
C GLN B 130 -9.35 1.39 26.61
N ASP B 131 -10.44 0.64 26.43
CA ASP B 131 -11.23 0.17 27.57
C ASP B 131 -10.36 -0.72 28.42
N LEU B 132 -9.56 -1.58 27.77
CA LEU B 132 -8.68 -2.51 28.47
C LEU B 132 -7.62 -1.78 29.31
N CYS B 133 -7.22 -0.58 28.87
CA CYS B 133 -6.31 0.27 29.63
C CYS B 133 -7.08 1.15 30.61
N LYS B 134 -7.77 0.52 31.57
CA LYS B 134 -8.56 1.25 32.58
C LYS B 134 -8.73 0.44 33.86
PB GDP C . -3.22 2.47 -2.08
O1B GDP C . -4.18 2.23 -3.21
O2B GDP C . -3.81 3.06 -0.82
O3B GDP C . -2.34 1.30 -1.87
O3A GDP C . -2.15 3.60 -2.50
PA GDP C . -1.52 4.52 -1.32
O1A GDP C . -2.65 5.39 -0.82
O2A GDP C . -0.74 3.61 -0.37
O5' GDP C . -0.49 5.51 -2.04
C5' GDP C . 0.34 4.99 -3.09
C4' GDP C . 1.72 5.63 -3.06
O4' GDP C . 1.78 6.62 -4.08
C3' GDP C . 2.07 6.36 -1.76
O3' GDP C . 3.49 6.37 -1.54
C2' GDP C . 1.58 7.77 -2.02
O2' GDP C . 2.34 8.73 -1.32
C1' GDP C . 1.82 7.93 -3.49
N9 GDP C . 0.79 8.75 -4.14
C8 GDP C . -0.53 8.60 -4.05
N7 GDP C . -1.15 9.53 -4.82
C5 GDP C . -0.20 10.27 -5.42
C6 GDP C . -0.16 11.41 -6.35
O6 GDP C . -1.21 11.92 -6.79
N1 GDP C . 1.05 11.86 -6.72
C2 GDP C . 2.21 11.31 -6.26
N2 GDP C . 3.41 11.82 -6.67
N3 GDP C . 2.24 10.27 -5.39
C4 GDP C . 1.08 9.73 -4.96
AL ALF D . -2.60 -0.55 -1.51
F1 ALF D . -1.00 0.00 -0.79
F2 ALF D . -4.13 -1.11 -2.27
F3 ALF D . -3.41 0.13 -0.05
F4 ALF D . -1.75 -1.33 -2.89
CO CO E . 33.05 2.60 2.13
CL CL F . 31.84 4.22 3.57
CL CL G . 31.61 1.26 3.65
CO CO H . -30.28 0.97 -16.70
MG MG I . -3.77 1.60 0.72
O1 MES J . 10.22 -12.42 12.07
C2 MES J . 11.31 -12.85 12.90
C3 MES J . 11.17 -12.30 14.31
N4 MES J . 11.03 -10.83 14.28
C5 MES J . 9.92 -10.43 13.37
C6 MES J . 10.15 -11.00 11.98
C7 MES J . 10.76 -10.32 15.65
C8 MES J . 12.05 -9.88 16.34
S MES J . 11.82 -8.50 17.24
O1S MES J . 10.87 -7.57 16.58
O2S MES J . 13.13 -7.80 17.39
O3S MES J . 11.32 -8.90 18.57
#